data_4YMJ
#
_entry.id   4YMJ
#
_cell.length_a   65.610
_cell.length_b   65.610
_cell.length_c   175.622
_cell.angle_alpha   90.00
_cell.angle_beta   90.00
_cell.angle_gamma   120.00
#
_symmetry.space_group_name_H-M   'P 32'
#
loop_
_entity.id
_entity.type
_entity.pdbx_description
1 polymer 'NT-3 growth factor receptor'
2 non-polymer 4-[6-(benzylamino)imidazo[1,2-b]pyridazin-3-yl]benzonitrile
3 non-polymer GLYCEROL
4 non-polymer 'CHLORIDE ION'
5 water water
#
_entity_poly.entity_id   1
_entity_poly.type   'polypeptide(L)'
_entity_poly.pdbx_seq_one_letter_code
;GAMGSGIHVQHIKRRDIVLKRELGEGAFGKVFLAECYNLSPTKDKMLVAVKALKDPTLAARKDFQREAELLTNLQHEHIV
KFYGVCGDGDPLIMVFEYMKHGDLNKFLRAHGPDAMILVDGQPRQAKGELGLSQMLHIASQIASGMVYLASQHFVHRDLA
TRNCLVGANLLVKIGDFGMSRDVY(SEP)TDYYRVGGHTMLPIRWMPPESIMYRKFTTESDVWSFGVILWEIFTYGKQPW
FQLSNTEVIECITQGRVLERPRVCPKEVYDVMLGCWQREPQQRLNIKEIYKILHALGKATPIYLDILG
;
_entity_poly.pdbx_strand_id   A,B
#
loop_
_chem_comp.id
_chem_comp.type
_chem_comp.name
_chem_comp.formula
4EJ non-polymer 4-[6-(benzylamino)imidazo[1,2-b]pyridazin-3-yl]benzonitrile 'C20 H15 N5'
CL non-polymer 'CHLORIDE ION' 'Cl -1'
GOL non-polymer GLYCEROL 'C3 H8 O3'
#
# COMPACT_ATOMS: atom_id res chain seq x y z
N GLY A 6 -27.63 -27.26 10.82
CA GLY A 6 -27.06 -26.10 10.17
C GLY A 6 -27.94 -25.64 9.00
N ILE A 7 -27.38 -24.77 8.17
CA ILE A 7 -28.20 -24.18 7.11
C ILE A 7 -28.31 -25.14 5.96
N HIS A 8 -29.54 -25.38 5.50
CA HIS A 8 -29.70 -26.26 4.37
CA HIS A 8 -29.82 -26.27 4.38
C HIS A 8 -29.87 -25.43 3.11
N VAL A 9 -28.87 -25.57 2.24
CA VAL A 9 -28.80 -24.86 0.98
C VAL A 9 -29.74 -25.53 -0.01
N GLN A 10 -30.51 -24.73 -0.73
CA GLN A 10 -31.42 -25.29 -1.72
C GLN A 10 -30.62 -25.97 -2.83
N HIS A 11 -31.01 -27.18 -3.24
CA HIS A 11 -30.28 -27.85 -4.29
C HIS A 11 -31.11 -27.91 -5.56
N ILE A 12 -30.44 -27.63 -6.68
CA ILE A 12 -31.06 -27.66 -7.99
C ILE A 12 -30.38 -28.75 -8.81
N LYS A 13 -31.19 -29.65 -9.36
CA LYS A 13 -30.66 -30.72 -10.21
C LYS A 13 -29.94 -30.16 -11.42
N ARG A 14 -28.77 -30.70 -11.72
CA ARG A 14 -28.01 -30.27 -12.90
C ARG A 14 -28.86 -30.41 -14.15
N ARG A 15 -29.64 -31.48 -14.24
CA ARG A 15 -30.43 -31.73 -15.45
C ARG A 15 -31.55 -30.69 -15.60
N ASP A 16 -31.85 -29.94 -14.55
CA ASP A 16 -32.88 -28.91 -14.65
C ASP A 16 -32.29 -27.61 -15.21
N ILE A 17 -30.97 -27.57 -15.33
CA ILE A 17 -30.30 -26.40 -15.90
C ILE A 17 -29.98 -26.67 -17.35
N VAL A 18 -30.45 -25.77 -18.22
CA VAL A 18 -30.13 -25.83 -19.65
C VAL A 18 -29.27 -24.63 -20.00
N LEU A 19 -27.98 -24.84 -20.24
CA LEU A 19 -27.08 -23.74 -20.50
C LEU A 19 -27.37 -23.10 -21.87
N LYS A 20 -27.38 -21.77 -21.91
CA LYS A 20 -27.73 -21.03 -23.13
C LYS A 20 -26.54 -20.27 -23.70
N ARG A 21 -25.74 -19.65 -22.85
CA ARG A 21 -24.68 -18.77 -23.32
C ARG A 21 -23.76 -18.34 -22.20
N GLU A 22 -22.47 -18.20 -22.52
CA GLU A 22 -21.49 -17.66 -21.58
C GLU A 22 -21.74 -16.18 -21.39
N LEU A 23 -21.82 -15.74 -20.14
CA LEU A 23 -21.92 -14.31 -19.86
C LEU A 23 -20.54 -13.72 -19.62
N GLY A 24 -19.69 -14.50 -18.98
CA GLY A 24 -18.39 -14.01 -18.59
C GLY A 24 -17.50 -15.12 -18.08
N GLU A 25 -16.23 -14.79 -17.91
CA GLU A 25 -15.26 -15.71 -17.34
C GLU A 25 -14.24 -14.93 -16.53
N GLY A 26 -13.65 -15.60 -15.56
CA GLY A 26 -12.60 -15.00 -14.75
C GLY A 26 -11.52 -16.05 -14.54
N ALA A 27 -10.49 -15.68 -13.78
CA ALA A 27 -9.46 -16.64 -13.44
C ALA A 27 -10.05 -17.74 -12.56
N PHE A 28 -11.07 -17.37 -11.78
CA PHE A 28 -11.69 -18.30 -10.85
C PHE A 28 -13.01 -18.90 -11.37
N GLY A 29 -13.90 -18.04 -11.87
CA GLY A 29 -15.23 -18.48 -12.23
C GLY A 29 -15.60 -18.43 -13.69
N LYS A 30 -16.77 -18.98 -14.01
CA LYS A 30 -17.36 -18.92 -15.34
C LYS A 30 -18.86 -18.76 -15.19
N VAL A 31 -19.43 -17.71 -15.78
CA VAL A 31 -20.84 -17.45 -15.60
C VAL A 31 -21.63 -17.65 -16.88
N PHE A 32 -22.75 -18.37 -16.77
CA PHE A 32 -23.61 -18.65 -17.90
C PHE A 32 -25.01 -18.07 -17.72
N LEU A 33 -25.63 -17.71 -18.83
CA LEU A 33 -27.08 -17.56 -18.88
C LEU A 33 -27.66 -18.95 -19.08
N ALA A 34 -28.76 -19.25 -18.41
CA ALA A 34 -29.32 -20.58 -18.55
C ALA A 34 -30.81 -20.56 -18.29
N GLU A 35 -31.48 -21.61 -18.75
CA GLU A 35 -32.85 -21.83 -18.37
C GLU A 35 -32.86 -22.82 -17.23
N CYS A 36 -33.77 -22.62 -16.30
CA CYS A 36 -33.90 -23.55 -15.21
C CYS A 36 -35.34 -24.02 -15.12
N TYR A 37 -35.50 -25.34 -15.09
CA TYR A 37 -36.80 -25.96 -14.96
C TYR A 37 -37.06 -26.32 -13.49
N ASN A 38 -38.33 -26.46 -13.13
CA ASN A 38 -38.73 -26.90 -11.79
C ASN A 38 -38.22 -25.98 -10.69
N LEU A 39 -38.10 -24.70 -11.01
CA LEU A 39 -37.66 -23.71 -10.04
C LEU A 39 -38.77 -22.72 -9.75
N SER A 40 -39.23 -22.05 -10.81
CA SER A 40 -40.32 -21.08 -10.72
C SER A 40 -41.60 -21.69 -10.16
N PRO A 41 -42.32 -20.93 -9.31
CA PRO A 41 -43.65 -21.40 -8.88
C PRO A 41 -44.67 -21.20 -10.00
N THR A 42 -44.42 -20.17 -10.81
CA THR A 42 -45.25 -19.85 -11.96
C THR A 42 -44.85 -20.67 -13.18
N LYS A 43 -43.98 -20.10 -14.01
CA LYS A 43 -43.61 -20.65 -15.31
C LYS A 43 -43.04 -22.07 -15.25
N ASP A 44 -42.91 -22.69 -16.42
CA ASP A 44 -42.28 -24.00 -16.55
C ASP A 44 -40.77 -23.86 -16.44
N LYS A 45 -40.24 -22.85 -17.11
CA LYS A 45 -38.83 -22.54 -17.02
C LYS A 45 -38.63 -21.04 -16.83
N MET A 46 -37.49 -20.67 -16.25
CA MET A 46 -37.12 -19.27 -16.10
C MET A 46 -35.64 -19.07 -16.39
N LEU A 47 -35.26 -17.85 -16.72
CA LEU A 47 -33.86 -17.56 -16.96
C LEU A 47 -33.10 -17.45 -15.65
N VAL A 48 -31.87 -17.95 -15.64
CA VAL A 48 -31.01 -17.83 -14.48
C VAL A 48 -29.61 -17.54 -14.93
N ALA A 49 -28.83 -17.06 -13.98
CA ALA A 49 -27.40 -16.94 -14.18
C ALA A 49 -26.73 -18.01 -13.34
N VAL A 50 -25.81 -18.74 -13.96
CA VAL A 50 -25.20 -19.90 -13.35
C VAL A 50 -23.69 -19.69 -13.29
N LYS A 51 -23.13 -19.76 -12.08
CA LYS A 51 -21.69 -19.65 -11.91
C LYS A 51 -21.13 -21.00 -11.56
N ALA A 52 -20.18 -21.46 -12.38
CA ALA A 52 -19.51 -22.72 -12.17
C ALA A 52 -18.04 -22.47 -11.85
N LEU A 53 -17.56 -23.01 -10.74
CA LEU A 53 -16.15 -22.86 -10.42
C LEU A 53 -15.33 -23.84 -11.25
N LYS A 54 -14.22 -23.37 -11.79
CA LYS A 54 -13.33 -24.24 -12.55
C LYS A 54 -12.19 -24.74 -11.67
N ASP A 55 -12.11 -26.06 -11.50
CA ASP A 55 -11.05 -26.72 -10.72
C ASP A 55 -10.64 -25.91 -9.48
N PRO A 56 -11.49 -25.91 -8.45
CA PRO A 56 -11.26 -25.09 -7.26
C PRO A 56 -10.34 -25.75 -6.23
N THR A 57 -9.62 -24.95 -5.47
CA THR A 57 -8.78 -25.47 -4.39
C THR A 57 -9.62 -26.19 -3.33
N LEU A 58 -8.95 -26.72 -2.31
CA LEU A 58 -9.65 -27.34 -1.20
C LEU A 58 -10.32 -26.27 -0.34
N ALA A 59 -9.64 -25.14 -0.19
CA ALA A 59 -10.20 -24.00 0.53
C ALA A 59 -11.33 -23.39 -0.27
N ALA A 60 -11.13 -23.31 -1.58
CA ALA A 60 -12.13 -22.77 -2.50
C ALA A 60 -13.44 -23.54 -2.37
N ARG A 61 -13.35 -24.85 -2.21
CA ARG A 61 -14.52 -25.69 -2.05
C ARG A 61 -15.23 -25.36 -0.76
N LYS A 62 -14.46 -25.32 0.34
CA LYS A 62 -14.99 -25.01 1.65
C LYS A 62 -15.59 -23.62 1.65
N ASP A 63 -14.89 -22.69 1.00
CA ASP A 63 -15.36 -21.32 0.83
C ASP A 63 -16.71 -21.26 0.11
N PHE A 64 -16.80 -22.03 -0.98
CA PHE A 64 -18.01 -22.09 -1.77
C PHE A 64 -19.20 -22.50 -0.92
N GLN A 65 -19.02 -23.49 -0.06
CA GLN A 65 -20.13 -23.99 0.74
C GLN A 65 -20.59 -22.98 1.80
N ARG A 66 -19.67 -22.29 2.44
CA ARG A 66 -20.03 -21.25 3.41
C ARG A 66 -20.73 -20.11 2.71
N GLU A 67 -20.25 -19.75 1.53
CA GLU A 67 -20.87 -18.68 0.77
C GLU A 67 -22.30 -19.08 0.38
N ALA A 68 -22.50 -20.32 -0.02
CA ALA A 68 -23.84 -20.80 -0.37
C ALA A 68 -24.78 -20.71 0.83
N GLU A 69 -24.26 -21.05 2.01
CA GLU A 69 -25.06 -21.00 3.23
C GLU A 69 -25.40 -19.55 3.58
N LEU A 70 -24.41 -18.68 3.52
CA LEU A 70 -24.61 -17.24 3.65
C LEU A 70 -25.71 -16.70 2.70
N LEU A 71 -25.53 -16.93 1.40
CA LEU A 71 -26.44 -16.42 0.39
C LEU A 71 -27.86 -16.93 0.51
N THR A 72 -27.98 -18.13 1.08
CA THR A 72 -29.29 -18.74 1.31
C THR A 72 -30.22 -17.83 2.11
N ASN A 73 -29.65 -17.08 3.04
CA ASN A 73 -30.47 -16.21 3.87
C ASN A 73 -30.23 -14.73 3.65
N LEU A 74 -29.22 -14.41 2.86
CA LEU A 74 -28.93 -13.01 2.54
C LEU A 74 -29.83 -12.61 1.38
N GLN A 75 -31.09 -12.35 1.69
CA GLN A 75 -32.15 -12.28 0.70
C GLN A 75 -32.94 -10.99 0.86
N HIS A 76 -33.04 -10.20 -0.20
CA HIS A 76 -33.65 -8.87 -0.13
C HIS A 76 -33.98 -8.42 -1.54
N GLU A 77 -34.99 -7.57 -1.66
CA GLU A 77 -35.44 -7.04 -2.94
C GLU A 77 -34.31 -6.40 -3.75
N HIS A 78 -33.28 -5.89 -3.07
CA HIS A 78 -32.20 -5.23 -3.81
C HIS A 78 -30.85 -5.91 -3.64
N ILE A 79 -30.93 -7.20 -3.32
CA ILE A 79 -29.77 -8.07 -3.31
C ILE A 79 -29.98 -9.10 -4.42
N VAL A 80 -29.02 -9.29 -5.31
CA VAL A 80 -29.21 -10.29 -6.38
C VAL A 80 -29.64 -11.64 -5.82
N LYS A 81 -30.72 -12.19 -6.36
CA LYS A 81 -31.32 -13.39 -5.81
C LYS A 81 -30.48 -14.65 -6.05
N PHE A 82 -30.18 -15.34 -4.97
CA PHE A 82 -29.52 -16.64 -4.97
C PHE A 82 -30.56 -17.73 -4.82
N TYR A 83 -30.58 -18.68 -5.76
CA TYR A 83 -31.55 -19.77 -5.74
C TYR A 83 -31.03 -21.06 -5.14
N GLY A 84 -29.73 -21.27 -5.18
CA GLY A 84 -29.20 -22.51 -4.63
C GLY A 84 -27.99 -23.04 -5.37
N VAL A 85 -27.57 -24.23 -4.99
CA VAL A 85 -26.40 -24.82 -5.62
C VAL A 85 -26.86 -25.95 -6.50
N CYS A 86 -26.05 -26.26 -7.50
CA CYS A 86 -26.47 -27.13 -8.58
C CYS A 86 -25.53 -28.31 -8.70
N GLY A 87 -26.09 -29.46 -9.09
CA GLY A 87 -25.31 -30.67 -9.25
C GLY A 87 -24.75 -31.19 -7.93
N ASP A 88 -23.62 -31.90 -8.01
CA ASP A 88 -23.06 -32.52 -6.83
C ASP A 88 -21.57 -32.28 -6.68
N GLY A 89 -21.14 -31.05 -6.95
CA GLY A 89 -19.79 -30.63 -6.59
C GLY A 89 -18.75 -30.68 -7.68
N ASP A 90 -18.95 -31.52 -8.69
CA ASP A 90 -18.05 -31.58 -9.83
C ASP A 90 -18.77 -31.15 -11.09
N PRO A 91 -18.71 -29.84 -11.42
CA PRO A 91 -18.07 -28.81 -10.62
C PRO A 91 -19.03 -28.17 -9.61
N LEU A 92 -18.56 -27.16 -8.91
CA LEU A 92 -19.39 -26.42 -7.96
C LEU A 92 -20.16 -25.34 -8.70
N ILE A 93 -21.48 -25.37 -8.58
CA ILE A 93 -22.35 -24.45 -9.31
C ILE A 93 -23.33 -23.73 -8.41
N MET A 94 -23.36 -22.40 -8.51
CA MET A 94 -24.38 -21.57 -7.88
C MET A 94 -25.34 -21.01 -8.92
N VAL A 95 -26.60 -20.90 -8.54
CA VAL A 95 -27.66 -20.43 -9.42
C VAL A 95 -28.28 -19.14 -8.87
N PHE A 96 -28.28 -18.09 -9.69
CA PHE A 96 -28.80 -16.76 -9.35
C PHE A 96 -29.87 -16.35 -10.34
N GLU A 97 -30.65 -15.32 -10.00
CA GLU A 97 -31.59 -14.78 -10.97
C GLU A 97 -30.79 -14.16 -12.09
N TYR A 98 -31.43 -13.98 -13.24
CA TYR A 98 -30.80 -13.28 -14.35
C TYR A 98 -31.27 -11.82 -14.39
N MET A 99 -30.33 -10.89 -14.50
CA MET A 99 -30.66 -9.47 -14.59
C MET A 99 -30.33 -8.96 -15.98
N LYS A 100 -31.37 -8.75 -16.77
CA LYS A 100 -31.19 -8.69 -18.22
C LYS A 100 -30.46 -7.45 -18.71
N HIS A 101 -30.32 -6.41 -17.89
CA HIS A 101 -29.63 -5.22 -18.40
C HIS A 101 -28.21 -5.09 -17.92
N GLY A 102 -27.72 -6.11 -17.21
CA GLY A 102 -26.29 -6.22 -16.98
C GLY A 102 -25.76 -5.33 -15.87
N ASP A 103 -24.44 -5.14 -15.82
CA ASP A 103 -23.89 -4.43 -14.67
C ASP A 103 -24.14 -2.93 -14.82
N LEU A 104 -24.27 -2.29 -13.66
CA LEU A 104 -24.73 -0.92 -13.59
C LEU A 104 -23.72 0.05 -14.16
N ASN A 105 -22.44 -0.25 -13.99
CA ASN A 105 -21.44 0.65 -14.56
C ASN A 105 -21.55 0.73 -16.08
N LYS A 106 -21.63 -0.42 -16.73
CA LYS A 106 -21.84 -0.45 -18.19
C LYS A 106 -23.11 0.30 -18.54
N PHE A 107 -24.17 0.01 -17.79
CA PHE A 107 -25.47 0.61 -18.01
C PHE A 107 -25.40 2.12 -17.92
N LEU A 108 -24.71 2.60 -16.88
CA LEU A 108 -24.55 4.02 -16.68
C LEU A 108 -23.82 4.66 -17.86
N ARG A 109 -22.73 4.03 -18.28
CA ARG A 109 -21.90 4.60 -19.34
C ARG A 109 -22.66 4.62 -20.66
N ALA A 110 -23.59 3.69 -20.83
CA ALA A 110 -24.35 3.61 -22.06
C ALA A 110 -25.52 4.59 -22.07
N HIS A 111 -25.80 5.23 -20.94
CA HIS A 111 -26.90 6.19 -20.89
C HIS A 111 -26.39 7.58 -20.59
N GLY A 112 -25.13 7.81 -20.94
CA GLY A 112 -24.48 9.06 -20.66
C GLY A 112 -24.12 9.79 -21.94
N PRO A 113 -23.83 11.09 -21.82
CA PRO A 113 -23.53 11.93 -22.98
C PRO A 113 -22.12 11.67 -23.53
N GLY A 128 -30.02 6.83 -24.36
CA GLY A 128 -30.88 7.87 -23.83
C GLY A 128 -30.56 8.17 -22.37
N GLU A 129 -30.35 9.43 -22.06
CA GLU A 129 -29.81 9.81 -20.75
C GLU A 129 -30.72 9.55 -19.57
N LEU A 130 -30.08 9.43 -18.41
CA LEU A 130 -30.79 9.24 -17.16
C LEU A 130 -31.08 10.61 -16.56
N GLY A 131 -32.32 10.86 -16.20
CA GLY A 131 -32.67 12.09 -15.52
C GLY A 131 -32.39 11.98 -14.03
N LEU A 132 -32.61 13.07 -13.30
CA LEU A 132 -32.36 13.09 -11.86
C LEU A 132 -33.20 12.05 -11.12
N SER A 133 -34.47 11.94 -11.46
CA SER A 133 -35.34 10.97 -10.82
C SER A 133 -34.86 9.53 -11.03
N GLN A 134 -34.27 9.26 -12.18
CA GLN A 134 -33.76 7.92 -12.47
C GLN A 134 -32.50 7.64 -11.68
N MET A 135 -31.60 8.61 -11.63
CA MET A 135 -30.38 8.48 -10.85
C MET A 135 -30.65 8.29 -9.35
N LEU A 136 -31.65 9.00 -8.84
CA LEU A 136 -32.05 8.86 -7.44
C LEU A 136 -32.67 7.50 -7.14
N HIS A 137 -33.50 7.03 -8.07
CA HIS A 137 -34.14 5.73 -7.94
C HIS A 137 -33.07 4.64 -7.91
N ILE A 138 -32.08 4.77 -8.78
CA ILE A 138 -30.96 3.86 -8.80
C ILE A 138 -30.21 3.90 -7.47
N ALA A 139 -29.87 5.11 -7.03
CA ALA A 139 -29.09 5.28 -5.81
C ALA A 139 -29.86 4.78 -4.59
N SER A 140 -31.15 5.07 -4.55
CA SER A 140 -32.01 4.68 -3.43
CA SER A 140 -32.00 4.69 -3.43
C SER A 140 -32.12 3.17 -3.32
N GLN A 141 -32.21 2.49 -4.45
CA GLN A 141 -32.31 1.05 -4.42
C GLN A 141 -31.04 0.43 -3.87
N ILE A 142 -29.91 0.99 -4.26
CA ILE A 142 -28.64 0.48 -3.77
C ILE A 142 -28.57 0.72 -2.28
N ALA A 143 -28.97 1.92 -1.83
CA ALA A 143 -28.90 2.21 -0.41
C ALA A 143 -29.84 1.30 0.36
N SER A 144 -30.99 0.99 -0.25
CA SER A 144 -31.92 0.02 0.34
C SER A 144 -31.30 -1.36 0.56
N GLY A 145 -30.62 -1.88 -0.48
CA GLY A 145 -29.89 -3.12 -0.33
C GLY A 145 -28.83 -3.03 0.77
N MET A 146 -28.18 -1.87 0.88
CA MET A 146 -27.16 -1.70 1.91
C MET A 146 -27.76 -1.59 3.31
N VAL A 147 -28.94 -1.00 3.43
CA VAL A 147 -29.62 -0.99 4.71
C VAL A 147 -29.78 -2.46 5.12
N TYR A 148 -30.28 -3.27 4.20
CA TYR A 148 -30.48 -4.68 4.49
C TYR A 148 -29.16 -5.36 4.88
N LEU A 149 -28.10 -5.12 4.11
CA LEU A 149 -26.81 -5.74 4.41
C LEU A 149 -26.34 -5.36 5.80
N ALA A 150 -26.50 -4.10 6.17
CA ALA A 150 -26.05 -3.67 7.49
C ALA A 150 -26.87 -4.35 8.58
N SER A 151 -28.16 -4.57 8.33
CA SER A 151 -29.03 -5.23 9.30
C SER A 151 -28.56 -6.66 9.54
N GLN A 152 -27.89 -7.25 8.53
CA GLN A 152 -27.35 -8.61 8.60
C GLN A 152 -25.85 -8.62 8.98
N HIS A 153 -25.35 -7.52 9.48
CA HIS A 153 -23.93 -7.42 9.87
C HIS A 153 -23.01 -7.82 8.72
N PHE A 154 -23.45 -7.54 7.50
CA PHE A 154 -22.69 -7.99 6.35
C PHE A 154 -21.95 -6.80 5.78
N VAL A 155 -20.64 -6.97 5.69
CA VAL A 155 -19.80 -5.91 5.17
C VAL A 155 -19.39 -6.36 3.78
N HIS A 156 -19.68 -5.53 2.79
CA HIS A 156 -19.53 -5.96 1.41
C HIS A 156 -18.07 -5.88 0.96
N ARG A 157 -17.44 -4.73 1.23
CA ARG A 157 -16.02 -4.46 0.91
C ARG A 157 -15.71 -4.11 -0.54
N ASP A 158 -16.65 -4.33 -1.45
CA ASP A 158 -16.37 -3.96 -2.84
C ASP A 158 -17.62 -3.41 -3.49
N LEU A 159 -18.30 -2.49 -2.79
CA LEU A 159 -19.46 -1.83 -3.37
C LEU A 159 -18.98 -0.85 -4.43
N ALA A 160 -19.59 -0.94 -5.60
CA ALA A 160 -19.24 -0.11 -6.74
C ALA A 160 -20.31 -0.42 -7.78
N THR A 161 -20.54 0.47 -8.72
CA THR A 161 -21.62 0.17 -9.66
C THR A 161 -21.32 -1.07 -10.53
N ARG A 162 -20.04 -1.43 -10.72
CA ARG A 162 -19.72 -2.64 -11.52
C ARG A 162 -20.24 -3.92 -10.83
N ASN A 163 -20.50 -3.82 -9.54
CA ASN A 163 -21.02 -4.94 -8.77
C ASN A 163 -22.52 -4.85 -8.51
N CYS A 164 -23.18 -3.91 -9.20
CA CYS A 164 -24.63 -3.87 -9.20
C CYS A 164 -25.18 -4.28 -10.55
N LEU A 165 -26.37 -4.86 -10.53
CA LEU A 165 -26.98 -5.34 -11.75
C LEU A 165 -28.32 -4.63 -11.95
N VAL A 166 -28.74 -4.54 -13.22
CA VAL A 166 -29.92 -3.79 -13.61
C VAL A 166 -30.91 -4.72 -14.31
N GLY A 167 -32.16 -4.71 -13.87
CA GLY A 167 -33.18 -5.56 -14.45
C GLY A 167 -34.17 -4.68 -15.21
N ALA A 168 -35.40 -5.15 -15.36
CA ALA A 168 -36.38 -4.36 -16.11
C ALA A 168 -36.87 -3.19 -15.27
N ASN A 169 -37.26 -2.11 -15.93
CA ASN A 169 -37.80 -0.95 -15.23
C ASN A 169 -36.80 -0.36 -14.24
N LEU A 170 -35.53 -0.38 -14.61
CA LEU A 170 -34.50 0.22 -13.77
C LEU A 170 -34.46 -0.39 -12.39
N LEU A 171 -34.83 -1.66 -12.28
CA LEU A 171 -34.64 -2.40 -11.03
C LEU A 171 -33.14 -2.61 -10.83
N VAL A 172 -32.66 -2.31 -9.63
CA VAL A 172 -31.22 -2.40 -9.38
C VAL A 172 -30.95 -3.24 -8.13
N LYS A 173 -29.96 -4.11 -8.21
CA LYS A 173 -29.63 -4.96 -7.08
C LYS A 173 -28.13 -5.09 -6.91
N ILE A 174 -27.71 -5.38 -5.70
CA ILE A 174 -26.29 -5.49 -5.38
C ILE A 174 -25.86 -6.95 -5.48
N GLY A 175 -24.72 -7.17 -6.15
CA GLY A 175 -24.05 -8.46 -6.09
C GLY A 175 -22.60 -8.29 -5.68
N ASP A 176 -21.77 -9.30 -5.91
CA ASP A 176 -20.33 -9.21 -5.66
C ASP A 176 -19.64 -10.17 -6.61
N PHE A 177 -19.11 -9.66 -7.71
CA PHE A 177 -18.76 -10.54 -8.82
C PHE A 177 -17.26 -10.76 -9.00
N GLY A 178 -16.88 -12.02 -9.19
CA GLY A 178 -15.51 -12.38 -9.48
C GLY A 178 -15.08 -11.91 -10.86
N ASP A 182 -11.43 -8.99 -13.33
CA ASP A 182 -11.15 -9.28 -14.74
C ASP A 182 -11.57 -8.12 -15.64
N VAL A 183 -12.88 -7.94 -15.78
CA VAL A 183 -13.44 -6.92 -16.66
C VAL A 183 -13.07 -5.49 -16.23
N TYR A 184 -12.97 -5.27 -14.92
CA TYR A 184 -12.67 -3.95 -14.41
C TYR A 184 -11.39 -3.97 -13.58
N SEP A 185 -10.37 -4.66 -14.10
CA SEP A 185 -9.08 -4.80 -13.41
CB SEP A 185 -8.09 -5.55 -14.30
OG SEP A 185 -7.82 -4.77 -15.46
C SEP A 185 -8.50 -3.45 -13.01
O SEP A 185 -7.80 -3.34 -12.00
P SEP A 185 -6.67 -5.40 -16.38
O1P SEP A 185 -7.30 -6.53 -17.34
O2P SEP A 185 -6.08 -4.22 -17.29
O3P SEP A 185 -5.50 -6.03 -15.49
N THR A 186 -8.76 -2.43 -13.82
CA THR A 186 -8.25 -1.09 -13.55
C THR A 186 -8.82 -0.52 -12.25
N ASP A 187 -9.89 -1.14 -11.76
CA ASP A 187 -10.60 -0.62 -10.59
C ASP A 187 -10.01 -1.18 -9.30
N TYR A 188 -8.97 -2.01 -9.44
CA TYR A 188 -8.32 -2.65 -8.30
C TYR A 188 -6.80 -2.46 -8.31
N TYR A 189 -6.22 -2.40 -7.11
CA TYR A 189 -4.79 -2.24 -6.92
C TYR A 189 -4.16 -3.54 -6.42
N ARG A 190 -3.06 -3.94 -7.07
CA ARG A 190 -2.29 -5.16 -6.80
C ARG A 190 -2.25 -5.63 -5.36
N HIS A 194 -0.32 -10.63 -3.89
CA HIS A 194 -1.23 -9.79 -3.13
C HIS A 194 -2.58 -9.72 -3.80
N THR A 195 -3.63 -9.57 -3.00
CA THR A 195 -4.98 -9.51 -3.52
C THR A 195 -5.34 -8.13 -4.05
N MET A 196 -6.43 -8.05 -4.79
CA MET A 196 -6.80 -6.80 -5.39
C MET A 196 -7.78 -5.96 -4.60
N LEU A 197 -7.41 -4.72 -4.39
CA LEU A 197 -8.20 -3.85 -3.56
C LEU A 197 -8.82 -2.74 -4.36
N PRO A 198 -10.19 -2.52 -4.15
CA PRO A 198 -10.73 -1.40 -4.90
C PRO A 198 -10.47 -0.05 -4.22
N ILE A 199 -9.22 0.39 -4.26
CA ILE A 199 -8.79 1.54 -3.49
C ILE A 199 -9.57 2.81 -3.76
N ARG A 200 -9.97 3.03 -4.98
CA ARG A 200 -10.70 4.25 -5.32
C ARG A 200 -12.07 4.33 -4.62
N TRP A 201 -12.52 3.20 -4.06
CA TRP A 201 -13.80 3.10 -3.40
C TRP A 201 -13.65 2.94 -1.90
N MET A 202 -12.39 2.90 -1.43
CA MET A 202 -12.07 2.60 -0.03
C MET A 202 -11.76 3.87 0.79
N PRO A 203 -12.15 3.87 2.08
CA PRO A 203 -11.81 5.01 2.96
C PRO A 203 -10.40 4.86 3.52
N PRO A 204 -9.88 5.90 4.17
CA PRO A 204 -8.50 5.85 4.70
C PRO A 204 -8.19 4.64 5.59
N GLU A 205 -9.11 4.25 6.49
CA GLU A 205 -8.80 3.19 7.43
C GLU A 205 -8.80 1.81 6.76
N SER A 206 -9.53 1.66 5.67
CA SER A 206 -9.48 0.42 4.92
C SER A 206 -8.19 0.31 4.12
N ILE A 207 -7.74 1.42 3.55
CA ILE A 207 -6.49 1.40 2.81
C ILE A 207 -5.33 1.04 3.74
N MET A 208 -5.31 1.70 4.89
CA MET A 208 -4.20 1.60 5.82
C MET A 208 -4.20 0.26 6.57
N TYR A 209 -5.33 -0.08 7.18
CA TYR A 209 -5.41 -1.22 8.07
C TYR A 209 -6.21 -2.41 7.54
N ARG A 210 -6.79 -2.25 6.36
CA ARG A 210 -7.76 -3.23 5.86
C ARG A 210 -8.85 -3.47 6.90
N LYS A 211 -9.22 -2.41 7.61
CA LYS A 211 -10.39 -2.42 8.46
C LYS A 211 -11.63 -2.17 7.60
N PHE A 212 -12.44 -3.21 7.40
CA PHE A 212 -13.67 -3.06 6.62
C PHE A 212 -14.86 -3.17 7.56
N THR A 213 -15.78 -2.22 7.44
CA THR A 213 -16.94 -2.14 8.33
C THR A 213 -18.16 -1.65 7.53
N THR A 214 -19.31 -1.54 8.19
CA THR A 214 -20.46 -0.91 7.55
C THR A 214 -20.12 0.54 7.24
N GLU A 215 -19.19 1.11 8.01
CA GLU A 215 -18.82 2.50 7.78
C GLU A 215 -17.91 2.68 6.55
N SER A 216 -17.11 1.68 6.21
CA SER A 216 -16.30 1.78 5.00
C SER A 216 -17.19 1.47 3.80
N ASP A 217 -18.24 0.68 3.99
CA ASP A 217 -19.20 0.48 2.90
C ASP A 217 -19.95 1.78 2.62
N VAL A 218 -20.26 2.53 3.68
CA VAL A 218 -20.92 3.82 3.50
C VAL A 218 -20.01 4.71 2.68
N TRP A 219 -18.72 4.72 2.99
CA TRP A 219 -17.77 5.48 2.19
C TRP A 219 -17.86 5.04 0.74
N SER A 220 -17.88 3.73 0.50
CA SER A 220 -18.00 3.21 -0.86
C SER A 220 -19.28 3.69 -1.55
N PHE A 221 -20.37 3.74 -0.80
CA PHE A 221 -21.63 4.18 -1.36
C PHE A 221 -21.57 5.64 -1.81
N GLY A 222 -20.82 6.46 -1.08
CA GLY A 222 -20.67 7.84 -1.50
C GLY A 222 -20.06 7.87 -2.89
N VAL A 223 -19.10 6.98 -3.11
CA VAL A 223 -18.40 6.91 -4.39
C VAL A 223 -19.35 6.33 -5.44
N ILE A 224 -20.23 5.44 -5.02
CA ILE A 224 -21.25 4.92 -5.94
C ILE A 224 -22.14 6.05 -6.42
N LEU A 225 -22.50 6.95 -5.51
CA LEU A 225 -23.31 8.09 -5.86
C LEU A 225 -22.58 8.93 -6.89
N TRP A 226 -21.30 9.16 -6.67
CA TRP A 226 -20.50 9.93 -7.61
C TRP A 226 -20.50 9.22 -8.98
N GLU A 227 -20.37 7.90 -8.99
CA GLU A 227 -20.41 7.13 -10.23
C GLU A 227 -21.71 7.32 -11.00
N ILE A 228 -22.81 7.21 -10.28
CA ILE A 228 -24.14 7.35 -10.88
C ILE A 228 -24.28 8.73 -11.50
N PHE A 229 -23.92 9.75 -10.75
CA PHE A 229 -24.15 11.11 -11.22
C PHE A 229 -23.09 11.59 -12.21
N THR A 230 -22.07 10.76 -12.48
CA THR A 230 -21.13 11.04 -13.57
C THR A 230 -21.29 10.06 -14.74
N TYR A 231 -22.42 9.37 -14.77
CA TYR A 231 -22.67 8.30 -15.75
C TYR A 231 -21.54 7.25 -15.80
N GLY A 232 -21.05 6.85 -14.64
CA GLY A 232 -20.16 5.70 -14.55
C GLY A 232 -18.70 5.96 -14.79
N LYS A 233 -18.26 7.21 -14.67
CA LYS A 233 -16.86 7.55 -14.75
C LYS A 233 -16.07 6.88 -13.62
N GLN A 234 -14.78 6.62 -13.85
CA GLN A 234 -13.93 6.09 -12.79
C GLN A 234 -13.47 7.22 -11.87
N PRO A 235 -13.63 7.03 -10.56
CA PRO A 235 -13.14 8.00 -9.58
C PRO A 235 -11.65 8.24 -9.74
N TRP A 236 -11.23 9.49 -9.71
CA TRP A 236 -9.83 9.84 -9.75
C TRP A 236 -9.16 9.29 -10.99
N PHE A 237 -9.87 9.35 -12.12
CA PHE A 237 -9.40 8.75 -13.36
C PHE A 237 -8.03 9.27 -13.74
N GLN A 238 -7.75 10.53 -13.43
N GLN A 238 -7.80 10.53 -13.40
CA GLN A 238 -6.48 11.11 -13.84
CA GLN A 238 -6.58 11.26 -13.69
C GLN A 238 -5.31 10.74 -12.92
C GLN A 238 -5.36 10.73 -12.93
N LEU A 239 -5.60 10.15 -11.76
CA LEU A 239 -4.54 9.79 -10.83
C LEU A 239 -4.09 8.33 -10.91
N SER A 240 -2.80 8.10 -10.61
CA SER A 240 -2.27 6.76 -10.43
C SER A 240 -2.80 6.13 -9.14
N ASN A 241 -2.63 4.81 -9.01
CA ASN A 241 -2.99 4.14 -7.76
C ASN A 241 -2.26 4.72 -6.54
N THR A 242 -0.98 5.00 -6.70
CA THR A 242 -0.21 5.62 -5.62
C THR A 242 -0.78 6.98 -5.25
N GLU A 243 -1.13 7.76 -6.26
CA GLU A 243 -1.71 9.08 -6.03
C GLU A 243 -3.09 9.00 -5.37
N VAL A 244 -3.84 7.95 -5.68
CA VAL A 244 -5.15 7.74 -5.07
C VAL A 244 -4.96 7.47 -3.58
N ILE A 245 -4.01 6.61 -3.23
CA ILE A 245 -3.74 6.32 -1.83
C ILE A 245 -3.39 7.60 -1.08
N GLU A 246 -2.59 8.43 -1.73
CA GLU A 246 -2.16 9.70 -1.15
C GLU A 246 -3.36 10.62 -0.99
N CYS A 247 -4.13 10.69 -2.05
CA CYS A 247 -5.34 11.48 -2.13
C CYS A 247 -6.35 11.17 -1.01
N ILE A 248 -6.71 9.90 -0.89
CA ILE A 248 -7.66 9.49 0.13
C ILE A 248 -7.11 9.74 1.53
N THR A 249 -5.87 9.34 1.74
CA THR A 249 -5.22 9.52 3.04
C THR A 249 -5.18 10.98 3.42
N GLN A 250 -4.93 11.84 2.44
CA GLN A 250 -4.87 13.28 2.66
C GLN A 250 -6.23 13.89 2.97
N GLY A 251 -7.30 13.11 2.82
CA GLY A 251 -8.62 13.63 3.13
C GLY A 251 -9.19 14.45 1.98
N ARG A 252 -8.68 14.21 0.79
CA ARG A 252 -9.22 14.87 -0.38
C ARG A 252 -10.48 14.12 -0.83
N VAL A 253 -11.45 14.81 -1.41
CA VAL A 253 -12.66 14.12 -1.88
C VAL A 253 -13.03 14.48 -3.30
N LEU A 254 -13.76 13.58 -3.96
CA LEU A 254 -14.25 13.80 -5.30
C LEU A 254 -15.09 15.07 -5.34
N GLU A 255 -15.06 15.78 -6.46
CA GLU A 255 -15.81 17.03 -6.57
C GLU A 255 -17.24 16.73 -7.04
N ARG A 256 -18.14 17.68 -6.81
CA ARG A 256 -19.52 17.48 -7.18
C ARG A 256 -19.69 17.38 -8.68
N PRO A 257 -20.28 16.26 -9.15
CA PRO A 257 -20.61 16.03 -10.55
C PRO A 257 -21.56 17.10 -11.08
N ARG A 258 -21.41 17.45 -12.36
CA ARG A 258 -22.16 18.56 -12.98
C ARG A 258 -23.67 18.48 -12.77
N VAL A 259 -24.24 17.28 -12.90
CA VAL A 259 -25.68 17.12 -12.77
C VAL A 259 -26.09 16.64 -11.37
N CYS A 260 -25.18 16.76 -10.40
CA CYS A 260 -25.46 16.33 -9.03
C CYS A 260 -26.01 17.47 -8.18
N PRO A 261 -27.27 17.37 -7.74
CA PRO A 261 -27.83 18.42 -6.88
C PRO A 261 -27.03 18.55 -5.60
N LYS A 262 -26.97 19.76 -5.04
CA LYS A 262 -26.10 19.99 -3.89
C LYS A 262 -26.44 19.12 -2.69
N GLU A 263 -27.73 18.82 -2.48
CA GLU A 263 -28.06 17.99 -1.33
C GLU A 263 -27.50 16.58 -1.55
N VAL A 264 -27.49 16.11 -2.80
CA VAL A 264 -26.99 14.76 -3.06
C VAL A 264 -25.48 14.75 -2.81
N TYR A 265 -24.82 15.83 -3.21
CA TYR A 265 -23.42 15.97 -2.92
C TYR A 265 -23.16 16.02 -1.41
N ASP A 266 -24.03 16.72 -0.68
CA ASP A 266 -23.93 16.73 0.78
C ASP A 266 -24.00 15.32 1.35
N VAL A 267 -24.86 14.48 0.79
CA VAL A 267 -24.93 13.09 1.21
C VAL A 267 -23.57 12.42 0.93
N MET A 268 -22.97 12.70 -0.24
CA MET A 268 -21.67 12.14 -0.56
C MET A 268 -20.62 12.52 0.47
N LEU A 269 -20.57 13.81 0.81
CA LEU A 269 -19.64 14.29 1.82
C LEU A 269 -19.90 13.62 3.17
N GLY A 270 -21.17 13.41 3.50
CA GLY A 270 -21.51 12.71 4.74
C GLY A 270 -20.95 11.28 4.74
N CYS A 271 -20.74 10.73 3.56
CA CYS A 271 -20.20 9.37 3.44
C CYS A 271 -18.69 9.40 3.61
N TRP A 272 -18.11 10.56 3.31
CA TRP A 272 -16.65 10.69 3.20
C TRP A 272 -16.02 11.39 4.38
N GLN A 273 -16.71 11.41 5.51
CA GLN A 273 -16.11 11.90 6.73
C GLN A 273 -14.91 11.03 7.05
N ARG A 274 -13.81 11.65 7.47
CA ARG A 274 -12.56 10.91 7.66
C ARG A 274 -12.68 9.91 8.80
N GLU A 275 -13.29 10.34 9.89
CA GLU A 275 -13.53 9.45 11.00
C GLU A 275 -14.81 8.66 10.74
N PRO A 276 -14.71 7.33 10.73
CA PRO A 276 -15.82 6.43 10.39
C PRO A 276 -17.08 6.73 11.18
N GLN A 277 -16.93 7.09 12.45
CA GLN A 277 -18.09 7.27 13.29
C GLN A 277 -18.74 8.62 13.01
N GLN A 278 -18.07 9.44 12.22
CA GLN A 278 -18.65 10.72 11.79
C GLN A 278 -19.45 10.56 10.49
N ARG A 279 -19.35 9.41 9.85
CA ARG A 279 -20.06 9.24 8.58
C ARG A 279 -21.55 9.10 8.84
N LEU A 280 -22.37 9.54 7.88
CA LEU A 280 -23.78 9.20 7.87
C LEU A 280 -23.94 7.70 7.93
N ASN A 281 -25.00 7.21 8.57
CA ASN A 281 -25.29 5.79 8.53
C ASN A 281 -26.23 5.52 7.37
N ILE A 282 -26.28 4.27 6.93
CA ILE A 282 -26.89 3.97 5.64
C ILE A 282 -28.40 4.15 5.72
N LYS A 283 -28.94 4.01 6.93
CA LYS A 283 -30.37 4.24 7.12
C LYS A 283 -30.73 5.70 6.89
N GLU A 284 -29.87 6.61 7.33
CA GLU A 284 -30.04 8.05 7.10
C GLU A 284 -29.89 8.39 5.63
N ILE A 285 -28.91 7.77 5.02
CA ILE A 285 -28.68 7.97 3.60
C ILE A 285 -29.88 7.49 2.81
N TYR A 286 -30.39 6.32 3.15
CA TYR A 286 -31.53 5.78 2.42
C TYR A 286 -32.75 6.69 2.60
N LYS A 287 -32.96 7.14 3.84
CA LYS A 287 -34.13 7.96 4.14
C LYS A 287 -34.10 9.25 3.31
N ILE A 288 -32.93 9.85 3.20
CA ILE A 288 -32.82 11.09 2.43
C ILE A 288 -33.05 10.83 0.93
N LEU A 289 -32.25 9.94 0.34
CA LEU A 289 -32.33 9.66 -1.10
C LEU A 289 -33.71 9.16 -1.52
N HIS A 290 -34.33 8.33 -0.69
CA HIS A 290 -35.65 7.83 -1.00
C HIS A 290 -36.66 8.98 -1.03
N ALA A 291 -36.56 9.90 -0.08
CA ALA A 291 -37.50 11.04 -0.04
C ALA A 291 -37.30 11.91 -1.26
N LEU A 292 -36.05 12.21 -1.57
CA LEU A 292 -35.73 13.05 -2.72
C LEU A 292 -36.25 12.43 -4.00
N GLY A 293 -36.12 11.11 -4.13
CA GLY A 293 -36.50 10.40 -5.34
C GLY A 293 -38.00 10.37 -5.49
N LYS A 294 -38.69 10.27 -4.36
CA LYS A 294 -40.13 10.28 -4.35
C LYS A 294 -40.67 11.67 -4.69
N ALA A 295 -39.98 12.71 -4.24
CA ALA A 295 -40.37 14.09 -4.49
C ALA A 295 -40.10 14.52 -5.91
N THR A 296 -39.03 14.02 -6.52
CA THR A 296 -38.75 14.36 -7.91
C THR A 296 -39.36 13.31 -8.83
N GLY B 6 37.47 21.13 -12.02
CA GLY B 6 36.87 20.05 -11.27
C GLY B 6 36.24 20.52 -9.97
N ILE B 7 35.75 19.56 -9.19
CA ILE B 7 35.08 19.91 -7.95
C ILE B 7 36.07 20.36 -6.88
N HIS B 8 35.82 21.49 -6.28
CA HIS B 8 36.65 22.03 -5.21
CA HIS B 8 36.71 21.91 -5.21
C HIS B 8 36.07 21.64 -3.87
N VAL B 9 36.73 20.75 -3.16
CA VAL B 9 36.27 20.31 -1.85
C VAL B 9 36.58 21.37 -0.81
N GLN B 10 35.62 21.63 0.06
CA GLN B 10 35.83 22.55 1.16
C GLN B 10 36.98 22.08 2.07
N HIS B 11 37.90 22.96 2.43
CA HIS B 11 38.98 22.55 3.32
C HIS B 11 38.80 23.19 4.68
N ILE B 12 39.08 22.40 5.70
CA ILE B 12 38.96 22.82 7.09
C ILE B 12 40.36 22.72 7.66
N LYS B 13 40.79 23.74 8.36
CA LYS B 13 42.14 23.78 8.93
C LYS B 13 42.18 22.78 10.06
N ARG B 14 43.25 21.97 10.13
CA ARG B 14 43.40 21.01 11.22
C ARG B 14 43.26 21.71 12.59
N ARG B 15 43.80 22.91 12.70
CA ARG B 15 43.81 23.60 13.98
C ARG B 15 42.42 24.10 14.37
N ASP B 16 41.47 24.05 13.44
CA ASP B 16 40.11 24.46 13.79
C ASP B 16 39.31 23.31 14.41
N ILE B 17 39.88 22.10 14.34
CA ILE B 17 39.23 20.91 14.89
C ILE B 17 39.82 20.61 16.24
N VAL B 18 38.95 20.45 17.24
CA VAL B 18 39.38 20.11 18.59
C VAL B 18 38.76 18.77 18.92
N LEU B 19 39.58 17.72 18.96
CA LEU B 19 39.03 16.38 19.21
C LEU B 19 38.54 16.26 20.65
N LYS B 20 37.36 15.69 20.83
CA LYS B 20 36.74 15.55 22.14
C LYS B 20 36.67 14.09 22.59
N ARG B 21 36.24 13.19 21.72
CA ARG B 21 36.33 11.77 22.05
C ARG B 21 36.09 10.88 20.84
N GLU B 22 36.62 9.66 20.95
CA GLU B 22 36.54 8.66 19.89
C GLU B 22 35.18 7.96 19.88
N LEU B 23 34.48 8.04 18.75
CA LEU B 23 33.15 7.42 18.62
C LEU B 23 33.25 5.96 18.13
N GLY B 24 34.30 5.65 17.39
CA GLY B 24 34.47 4.31 16.88
C GLY B 24 35.76 4.12 16.10
N GLU B 25 36.08 2.87 15.82
CA GLU B 25 37.26 2.54 15.04
C GLU B 25 37.06 1.25 14.27
N GLY B 26 37.15 1.34 12.95
CA GLY B 26 37.09 0.18 12.09
C GLY B 26 38.47 -0.19 11.58
N ALA B 27 38.51 -0.95 10.49
CA ALA B 27 39.77 -1.33 9.89
C ALA B 27 40.36 -0.15 9.14
N PHE B 28 39.50 0.66 8.53
CA PHE B 28 39.92 1.75 7.67
C PHE B 28 40.29 3.02 8.43
N GLY B 29 39.55 3.35 9.49
CA GLY B 29 39.84 4.57 10.22
C GLY B 29 39.19 4.71 11.59
N LYS B 30 39.51 5.83 12.25
CA LYS B 30 38.90 6.21 13.51
C LYS B 30 37.88 7.30 13.29
N VAL B 31 36.78 7.26 14.04
CA VAL B 31 35.83 8.37 14.02
C VAL B 31 35.82 9.06 15.37
N PHE B 32 35.97 10.39 15.36
CA PHE B 32 35.95 11.19 16.58
C PHE B 32 34.75 12.12 16.65
N LEU B 33 34.30 12.38 17.86
CA LEU B 33 33.51 13.58 18.11
C LEU B 33 34.48 14.71 18.30
N ALA B 34 34.17 15.88 17.74
CA ALA B 34 35.05 17.02 17.86
C ALA B 34 34.28 18.32 17.87
N GLU B 35 34.96 19.38 18.28
CA GLU B 35 34.45 20.72 18.07
C GLU B 35 35.18 21.31 16.88
N CYS B 36 34.46 22.06 16.07
CA CYS B 36 35.07 22.73 14.94
C CYS B 36 34.79 24.22 15.04
N TYR B 37 35.85 25.01 14.89
CA TYR B 37 35.75 26.45 14.87
C TYR B 37 35.73 26.97 13.43
N ASN B 38 35.25 28.19 13.24
CA ASN B 38 35.29 28.86 11.93
C ASN B 38 34.58 28.06 10.84
N LEU B 39 33.54 27.35 11.24
CA LEU B 39 32.76 26.54 10.33
C LEU B 39 31.32 27.05 10.32
N SER B 40 30.70 27.01 11.48
CA SER B 40 29.36 27.57 11.67
C SER B 40 29.36 29.07 11.37
N PRO B 41 28.34 29.53 10.64
CA PRO B 41 28.20 30.98 10.39
C PRO B 41 27.51 31.67 11.57
N THR B 42 26.58 30.95 12.19
CA THR B 42 25.77 31.50 13.27
C THR B 42 26.35 31.21 14.65
N LYS B 43 27.63 30.88 14.72
CA LYS B 43 28.20 30.37 15.97
C LYS B 43 29.73 30.20 15.93
N ASP B 44 30.37 30.39 17.07
CA ASP B 44 31.83 30.30 17.18
C ASP B 44 32.38 28.89 16.99
N LYS B 45 31.77 27.91 17.66
CA LYS B 45 32.15 26.51 17.45
C LYS B 45 30.92 25.61 17.37
N MET B 46 31.08 24.46 16.74
CA MET B 46 30.00 23.49 16.64
C MET B 46 30.54 22.06 16.73
N LEU B 47 29.67 21.13 17.08
CA LEU B 47 30.08 19.72 17.15
C LEU B 47 30.11 19.09 15.78
N VAL B 48 31.14 18.27 15.53
CA VAL B 48 31.24 17.54 14.28
C VAL B 48 31.70 16.12 14.53
N ALA B 49 31.53 15.27 13.53
CA ALA B 49 32.11 13.95 13.53
C ALA B 49 33.26 13.98 12.54
N VAL B 50 34.42 13.52 12.99
CA VAL B 50 35.62 13.54 12.18
C VAL B 50 36.06 12.11 11.94
N LYS B 51 36.27 11.76 10.68
CA LYS B 51 36.81 10.45 10.34
C LYS B 51 38.22 10.63 9.82
N ALA B 52 39.16 9.93 10.45
CA ALA B 52 40.56 9.99 10.06
C ALA B 52 41.00 8.65 9.51
N LEU B 53 41.61 8.64 8.34
CA LEU B 53 42.09 7.40 7.74
C LEU B 53 43.42 6.97 8.34
N LYS B 54 43.46 5.72 8.81
CA LYS B 54 44.66 5.15 9.40
C LYS B 54 45.50 4.46 8.34
N ASP B 55 46.69 5.01 8.08
CA ASP B 55 47.66 4.46 7.10
C ASP B 55 46.98 3.83 5.88
N PRO B 56 46.43 4.67 5.00
CA PRO B 56 45.68 4.20 3.83
C PRO B 56 46.56 3.81 2.65
N THR B 57 46.12 2.82 1.88
CA THR B 57 46.83 2.46 0.66
C THR B 57 46.80 3.60 -0.35
N LEU B 58 47.61 3.48 -1.40
CA LEU B 58 47.66 4.49 -2.46
C LEU B 58 46.31 4.60 -3.16
N ALA B 59 45.61 3.48 -3.26
CA ALA B 59 44.27 3.45 -3.83
C ALA B 59 43.28 4.06 -2.84
N ALA B 60 43.57 3.85 -1.56
CA ALA B 60 42.74 4.37 -0.48
C ALA B 60 42.71 5.89 -0.52
N ARG B 61 43.87 6.49 -0.75
CA ARG B 61 43.97 7.94 -0.80
C ARG B 61 43.23 8.48 -2.01
N LYS B 62 43.36 7.78 -3.13
CA LYS B 62 42.70 8.16 -4.36
C LYS B 62 41.18 8.10 -4.17
N ASP B 63 40.71 6.99 -3.61
CA ASP B 63 39.29 6.82 -3.27
C ASP B 63 38.77 7.94 -2.38
N PHE B 64 39.52 8.23 -1.33
CA PHE B 64 39.19 9.31 -0.40
C PHE B 64 38.88 10.62 -1.12
N GLN B 65 39.74 11.00 -2.06
CA GLN B 65 39.56 12.27 -2.76
C GLN B 65 38.33 12.22 -3.66
N ARG B 66 38.11 11.07 -4.29
CA ARG B 66 36.91 10.83 -5.08
C ARG B 66 35.65 10.98 -4.22
N GLU B 67 35.62 10.34 -3.05
CA GLU B 67 34.44 10.41 -2.19
C GLU B 67 34.24 11.82 -1.65
N ALA B 68 35.33 12.52 -1.32
CA ALA B 68 35.22 13.89 -0.84
C ALA B 68 34.51 14.76 -1.88
N GLU B 69 34.85 14.56 -3.15
CA GLU B 69 34.28 15.36 -4.24
C GLU B 69 32.82 15.00 -4.44
N LEU B 70 32.53 13.71 -4.41
CA LEU B 70 31.14 13.25 -4.43
C LEU B 70 30.32 13.86 -3.28
N LEU B 71 30.82 13.75 -2.06
CA LEU B 71 30.07 14.17 -0.89
C LEU B 71 29.87 15.66 -0.85
N THR B 72 30.76 16.39 -1.52
CA THR B 72 30.64 17.83 -1.61
C THR B 72 29.27 18.24 -2.19
N ASN B 73 28.77 17.47 -3.14
CA ASN B 73 27.50 17.84 -3.79
C ASN B 73 26.34 16.91 -3.47
N LEU B 74 26.62 15.83 -2.77
CA LEU B 74 25.58 14.91 -2.38
C LEU B 74 24.99 15.42 -1.07
N GLN B 75 24.15 16.43 -1.19
CA GLN B 75 23.74 17.25 -0.06
C GLN B 75 22.23 17.36 0.00
N HIS B 76 21.65 16.95 1.13
CA HIS B 76 20.20 16.83 1.24
C HIS B 76 19.84 16.80 2.72
N GLU B 77 18.62 17.22 3.05
CA GLU B 77 18.19 17.26 4.43
C GLU B 77 18.20 15.89 5.08
N HIS B 78 18.15 14.81 4.30
CA HIS B 78 18.17 13.51 4.95
C HIS B 78 19.37 12.67 4.53
N ILE B 79 20.43 13.39 4.16
CA ILE B 79 21.73 12.79 3.94
C ILE B 79 22.67 13.39 4.97
N VAL B 80 23.37 12.55 5.74
CA VAL B 80 24.35 13.06 6.74
C VAL B 80 25.24 14.12 6.09
N LYS B 81 25.30 15.31 6.69
CA LYS B 81 26.04 16.39 6.04
C LYS B 81 27.57 16.23 6.12
N PHE B 82 28.20 16.39 4.97
CA PHE B 82 29.63 16.46 4.79
C PHE B 82 30.04 17.91 4.70
N TYR B 83 30.99 18.34 5.55
CA TYR B 83 31.47 19.73 5.56
C TYR B 83 32.77 19.95 4.79
N GLY B 84 33.58 18.91 4.65
CA GLY B 84 34.82 19.08 3.91
C GLY B 84 35.94 18.19 4.43
N VAL B 85 37.14 18.40 3.92
CA VAL B 85 38.27 17.60 4.32
C VAL B 85 39.16 18.46 5.19
N CYS B 86 39.97 17.81 6.02
CA CYS B 86 40.68 18.50 7.07
C CYS B 86 42.18 18.34 6.93
N GLY B 87 42.90 19.41 7.23
CA GLY B 87 44.35 19.38 7.28
C GLY B 87 45.04 19.19 5.95
N ASP B 88 46.34 18.95 6.00
CA ASP B 88 47.18 18.86 4.81
C ASP B 88 47.13 17.49 4.15
N GLY B 89 46.55 16.52 4.85
CA GLY B 89 46.43 15.17 4.32
C GLY B 89 47.35 14.18 4.99
N PRO B 91 47.52 12.66 7.69
CA PRO B 91 46.32 11.81 7.78
C PRO B 91 45.13 12.39 7.03
N LEU B 92 44.43 11.55 6.27
CA LEU B 92 43.23 11.95 5.55
C LEU B 92 42.05 12.10 6.52
N ILE B 93 41.47 13.29 6.57
CA ILE B 93 40.35 13.55 7.48
C ILE B 93 39.15 14.12 6.77
N MET B 94 37.98 13.54 7.03
CA MET B 94 36.71 14.09 6.56
C MET B 94 35.93 14.59 7.75
N VAL B 95 35.19 15.66 7.55
CA VAL B 95 34.41 16.29 8.62
C VAL B 95 32.92 16.25 8.29
N PHE B 96 32.13 15.71 9.21
CA PHE B 96 30.68 15.56 9.03
C PHE B 96 29.94 16.22 10.18
N GLU B 97 28.65 16.46 10.00
CA GLU B 97 27.85 16.90 11.13
C GLU B 97 27.83 15.79 12.16
N TYR B 98 27.51 16.17 13.40
CA TYR B 98 27.35 15.20 14.48
C TYR B 98 25.86 14.95 14.74
N MET B 99 25.47 13.68 14.82
CA MET B 99 24.09 13.29 15.06
C MET B 99 24.01 12.65 16.41
N LYS B 100 23.47 13.37 17.38
CA LYS B 100 23.71 13.03 18.76
C LYS B 100 23.01 11.76 19.25
N HIS B 101 22.02 11.25 18.51
CA HIS B 101 21.40 10.02 19.01
C HIS B 101 21.90 8.76 18.34
N GLY B 102 22.94 8.89 17.51
CA GLY B 102 23.66 7.71 17.06
C GLY B 102 22.97 6.91 15.97
N ASP B 103 23.40 5.67 15.74
CA ASP B 103 22.87 4.95 14.60
C ASP B 103 21.46 4.42 14.95
N LEU B 104 20.67 4.31 13.88
CA LEU B 104 19.25 4.09 13.97
C LEU B 104 18.92 2.68 14.44
N ASN B 105 19.78 1.72 14.11
CA ASN B 105 19.53 0.37 14.56
C ASN B 105 19.60 0.31 16.08
N LYS B 106 20.67 0.89 16.61
CA LYS B 106 20.84 0.97 18.06
C LYS B 106 19.63 1.67 18.66
N PHE B 107 19.26 2.77 18.03
CA PHE B 107 18.17 3.61 18.49
C PHE B 107 16.86 2.83 18.55
N LEU B 108 16.55 2.12 17.46
CA LEU B 108 15.34 1.32 17.39
C LEU B 108 15.29 0.28 18.51
N ARG B 109 16.40 -0.42 18.70
CA ARG B 109 16.48 -1.46 19.71
C ARG B 109 16.30 -0.92 21.12
N ALA B 110 16.72 0.31 21.34
CA ALA B 110 16.63 0.91 22.66
C ALA B 110 15.26 1.50 22.91
N HIS B 111 14.40 1.47 21.90
CA HIS B 111 13.04 1.97 22.05
C HIS B 111 12.01 0.91 21.74
N GLY B 112 12.38 -0.35 21.94
CA GLY B 112 11.49 -1.47 21.69
C GLY B 112 11.30 -2.26 22.96
N PRO B 113 10.16 -2.95 23.07
CA PRO B 113 9.88 -3.70 24.31
C PRO B 113 10.62 -5.03 24.33
N GLY B 128 11.66 3.83 25.75
CA GLY B 128 10.47 4.59 25.38
C GLY B 128 9.93 4.16 24.03
N GLU B 129 8.72 3.61 24.02
CA GLU B 129 8.17 3.00 22.82
C GLU B 129 7.96 3.99 21.68
N LEU B 130 8.36 3.58 20.48
CA LEU B 130 8.02 4.29 19.26
C LEU B 130 6.61 3.92 18.84
N GLY B 131 5.77 4.91 18.60
CA GLY B 131 4.46 4.65 18.04
C GLY B 131 4.48 4.63 16.52
N LEU B 132 3.30 4.47 15.91
CA LEU B 132 3.19 4.31 14.49
C LEU B 132 3.61 5.57 13.75
N SER B 133 3.18 6.72 14.28
CA SER B 133 3.53 8.00 13.70
C SER B 133 5.06 8.22 13.69
N GLN B 134 5.71 7.86 14.79
CA GLN B 134 7.16 7.94 14.86
C GLN B 134 7.85 7.00 13.88
N MET B 135 7.35 5.78 13.76
CA MET B 135 7.95 4.81 12.86
C MET B 135 7.80 5.25 11.42
N LEU B 136 6.64 5.84 11.09
CA LEU B 136 6.40 6.35 9.75
C LEU B 136 7.27 7.55 9.46
N HIS B 137 7.44 8.40 10.46
CA HIS B 137 8.28 9.58 10.32
C HIS B 137 9.72 9.16 10.02
N ILE B 138 10.20 8.16 10.75
CA ILE B 138 11.52 7.60 10.50
C ILE B 138 11.62 7.06 9.07
N ALA B 139 10.66 6.23 8.68
CA ALA B 139 10.68 5.58 7.36
C ALA B 139 10.64 6.63 6.26
N SER B 140 9.78 7.61 6.45
CA SER B 140 9.55 8.63 5.44
C SER B 140 10.81 9.47 5.21
N GLN B 141 11.53 9.78 6.28
CA GLN B 141 12.75 10.57 6.11
C GLN B 141 13.80 9.82 5.32
N ILE B 142 13.94 8.54 5.62
CA ILE B 142 14.87 7.68 4.90
C ILE B 142 14.46 7.62 3.42
N ALA B 143 13.18 7.43 3.16
CA ALA B 143 12.73 7.36 1.77
C ALA B 143 13.01 8.69 1.07
N SER B 144 12.84 9.78 1.81
CA SER B 144 13.12 11.10 1.28
C SER B 144 14.59 11.24 0.89
N GLY B 145 15.50 10.83 1.77
CA GLY B 145 16.91 10.78 1.42
C GLY B 145 17.16 9.91 0.18
N MET B 146 16.47 8.80 0.09
CA MET B 146 16.63 7.88 -1.05
C MET B 146 16.08 8.48 -2.35
N VAL B 147 14.98 9.21 -2.26
CA VAL B 147 14.51 9.93 -3.44
C VAL B 147 15.64 10.81 -3.97
N TYR B 148 16.24 11.58 -3.07
CA TYR B 148 17.38 12.42 -3.42
C TYR B 148 18.52 11.60 -4.03
N LEU B 149 18.92 10.51 -3.39
CA LEU B 149 20.02 9.72 -3.93
C LEU B 149 19.71 9.21 -5.34
N ALA B 150 18.49 8.75 -5.55
CA ALA B 150 18.10 8.29 -6.88
C ALA B 150 18.17 9.44 -7.89
N SER B 151 17.77 10.65 -7.50
CA SER B 151 17.83 11.81 -8.41
C SER B 151 19.26 12.11 -8.82
N GLN B 152 20.22 11.69 -7.97
CA GLN B 152 21.63 11.90 -8.23
C GLN B 152 22.30 10.65 -8.80
N HIS B 153 21.49 9.71 -9.25
CA HIS B 153 22.01 8.46 -9.84
C HIS B 153 22.97 7.77 -8.88
N PHE B 154 22.75 7.98 -7.60
CA PHE B 154 23.63 7.42 -6.60
C PHE B 154 23.02 6.12 -6.08
N VAL B 155 23.76 5.04 -6.21
CA VAL B 155 23.32 3.76 -5.69
C VAL B 155 24.08 3.51 -4.42
N HIS B 156 23.36 3.34 -3.31
CA HIS B 156 23.99 3.24 -2.00
C HIS B 156 24.65 1.87 -1.74
N ARG B 157 23.90 0.79 -1.98
CA ARG B 157 24.36 -0.61 -1.86
C ARG B 157 24.40 -1.17 -0.44
N ASP B 158 24.33 -0.32 0.58
CA ASP B 158 24.33 -0.86 1.94
C ASP B 158 23.32 -0.11 2.80
N LEU B 159 22.13 0.10 2.26
CA LEU B 159 21.08 0.75 3.03
C LEU B 159 20.57 -0.21 4.08
N ALA B 160 20.56 0.27 5.33
CA ALA B 160 20.10 -0.51 6.49
C ALA B 160 20.05 0.47 7.64
N THR B 161 19.33 0.14 8.71
CA THR B 161 19.19 1.15 9.75
C THR B 161 20.53 1.41 10.45
N ARG B 162 21.44 0.44 10.46
CA ARG B 162 22.78 0.70 11.05
C ARG B 162 23.54 1.85 10.33
N ASN B 163 23.16 2.12 9.09
CA ASN B 163 23.80 3.18 8.29
C ASN B 163 22.98 4.48 8.26
N CYS B 164 21.97 4.55 9.13
CA CYS B 164 21.23 5.78 9.34
C CYS B 164 21.54 6.33 10.72
N LEU B 165 21.51 7.65 10.83
CA LEU B 165 21.79 8.31 12.09
C LEU B 165 20.56 9.06 12.57
N VAL B 166 20.50 9.27 13.88
CA VAL B 166 19.35 9.95 14.50
C VAL B 166 19.81 11.22 15.21
N GLY B 167 19.15 12.33 14.95
CA GLY B 167 19.50 13.60 15.57
C GLY B 167 18.39 14.00 16.52
N ALA B 168 18.29 15.28 16.83
CA ALA B 168 17.25 15.76 17.73
C ALA B 168 15.88 15.64 17.09
N ASN B 169 14.85 15.41 17.92
CA ASN B 169 13.47 15.38 17.44
C ASN B 169 13.23 14.30 16.39
N LEU B 170 13.97 13.19 16.50
CA LEU B 170 13.76 12.05 15.60
C LEU B 170 14.14 12.41 14.15
N LEU B 171 15.10 13.31 14.00
CA LEU B 171 15.61 13.64 12.68
C LEU B 171 16.51 12.49 12.22
N VAL B 172 16.24 11.97 11.03
CA VAL B 172 16.93 10.78 10.55
C VAL B 172 17.62 11.08 9.22
N LYS B 173 18.88 10.66 9.11
CA LYS B 173 19.64 10.86 7.88
C LYS B 173 20.42 9.60 7.50
N ILE B 174 20.69 9.48 6.21
CA ILE B 174 21.38 8.32 5.67
C ILE B 174 22.87 8.61 5.58
N GLY B 175 23.68 7.70 6.11
CA GLY B 175 25.12 7.67 5.85
C GLY B 175 25.57 6.35 5.25
N ASP B 176 26.88 6.10 5.25
CA ASP B 176 27.44 4.82 4.82
C ASP B 176 28.76 4.62 5.55
N PHE B 177 28.73 3.79 6.58
CA PHE B 177 29.83 3.77 7.55
C PHE B 177 30.67 2.52 7.46
N GLY B 178 31.99 2.72 7.45
CA GLY B 178 32.92 1.62 7.48
C GLY B 178 32.79 0.88 8.79
N MET B 179 32.57 1.61 9.87
CA MET B 179 32.52 1.00 11.21
C MET B 179 31.20 0.24 11.45
N SER B 180 30.29 0.29 10.49
CA SER B 180 29.07 -0.49 10.64
C SER B 180 29.38 -1.95 10.26
N ARG B 181 30.38 -2.17 9.42
CA ARG B 181 30.73 -3.53 9.00
C ARG B 181 31.57 -4.28 10.06
N ASP B 182 31.91 -3.62 11.17
CA ASP B 182 32.61 -4.31 12.24
C ASP B 182 31.73 -4.39 13.50
N VAL B 183 31.08 -3.29 13.84
CA VAL B 183 30.08 -3.30 14.90
C VAL B 183 28.98 -4.28 14.54
N TYR B 184 28.64 -4.30 13.26
CA TYR B 184 27.58 -5.15 12.76
C TYR B 184 28.09 -6.17 11.76
N SEP B 185 29.25 -6.75 12.06
CA SEP B 185 29.89 -7.70 11.16
CB SEP B 185 31.19 -8.19 11.75
OG SEP B 185 30.98 -8.60 13.09
C SEP B 185 28.98 -8.89 10.84
O SEP B 185 29.12 -9.51 9.78
P SEP B 185 32.07 -9.68 13.53
O1P SEP B 185 32.44 -10.61 12.27
O2P SEP B 185 33.39 -8.93 14.05
O3P SEP B 185 31.43 -10.56 14.70
N THR B 186 28.07 -9.20 11.75
CA THR B 186 27.12 -10.30 11.59
C THR B 186 26.16 -9.99 10.44
N ASP B 187 26.06 -8.71 10.11
CA ASP B 187 25.14 -8.23 9.09
C ASP B 187 25.74 -8.37 7.69
N TYR B 188 26.98 -8.86 7.62
CA TYR B 188 27.69 -9.00 6.34
C TYR B 188 28.21 -10.41 6.12
N TYR B 189 28.14 -10.86 4.88
CA TYR B 189 28.66 -12.15 4.48
C TYR B 189 29.95 -11.90 3.72
N ARG B 190 31.01 -12.65 4.02
CA ARG B 190 32.31 -12.41 3.41
C ARG B 190 32.82 -13.62 2.63
N HIS B 194 35.49 -12.46 -0.53
CA HIS B 194 36.20 -11.23 -0.93
C HIS B 194 35.80 -10.04 -0.07
N THR B 195 34.67 -9.43 -0.39
CA THR B 195 34.19 -8.24 0.32
C THR B 195 33.08 -8.59 1.30
N MET B 196 32.65 -7.61 2.10
CA MET B 196 31.52 -7.77 3.03
C MET B 196 30.19 -7.44 2.36
N LEU B 197 29.37 -8.46 2.10
CA LEU B 197 28.07 -8.23 1.48
C LEU B 197 26.95 -8.28 2.51
N PRO B 198 26.11 -7.22 2.56
CA PRO B 198 24.93 -7.23 3.44
C PRO B 198 23.81 -8.05 2.83
N ILE B 199 23.99 -9.37 2.74
CA ILE B 199 23.12 -10.20 1.91
C ILE B 199 21.66 -10.16 2.41
N ARG B 200 21.46 -10.00 3.70
CA ARG B 200 20.09 -9.94 4.25
C ARG B 200 19.31 -8.74 3.75
N TRP B 201 20.01 -7.75 3.21
CA TRP B 201 19.38 -6.54 2.68
C TRP B 201 19.41 -6.48 1.16
N MET B 202 19.89 -7.54 0.52
CA MET B 202 20.11 -7.55 -0.94
C MET B 202 19.04 -8.34 -1.69
N PRO B 203 18.67 -7.86 -2.91
CA PRO B 203 17.73 -8.62 -3.74
C PRO B 203 18.45 -9.75 -4.47
N PRO B 204 17.69 -10.66 -5.06
CA PRO B 204 18.36 -11.82 -5.69
C PRO B 204 19.38 -11.45 -6.79
N GLU B 205 19.15 -10.40 -7.57
CA GLU B 205 20.08 -10.08 -8.67
C GLU B 205 21.39 -9.46 -8.13
N SER B 206 21.33 -8.84 -6.96
CA SER B 206 22.54 -8.31 -6.33
C SER B 206 23.38 -9.45 -5.74
N ILE B 207 22.71 -10.46 -5.19
CA ILE B 207 23.44 -11.58 -4.61
C ILE B 207 24.15 -12.37 -5.71
N MET B 208 23.41 -12.63 -6.78
CA MET B 208 23.88 -13.47 -7.88
C MET B 208 24.92 -12.76 -8.74
N TYR B 209 24.59 -11.54 -9.17
CA TYR B 209 25.42 -10.81 -10.14
C TYR B 209 26.15 -9.60 -9.57
N ARG B 210 25.88 -9.25 -8.32
CA ARG B 210 26.41 -7.99 -7.78
C ARG B 210 25.96 -6.85 -8.70
N LYS B 211 24.74 -6.96 -9.17
CA LYS B 211 24.10 -5.88 -9.88
C LYS B 211 23.41 -5.01 -8.85
N PHE B 212 23.94 -3.79 -8.65
CA PHE B 212 23.36 -2.83 -7.70
C PHE B 212 22.78 -1.64 -8.45
N THR B 213 21.52 -1.33 -8.15
CA THR B 213 20.79 -0.28 -8.84
C THR B 213 19.91 0.46 -7.83
N THR B 214 19.23 1.51 -8.29
CA THR B 214 18.19 2.14 -7.48
C THR B 214 17.13 1.12 -7.08
N GLU B 215 16.91 0.13 -7.95
CA GLU B 215 15.94 -0.94 -7.66
C GLU B 215 16.42 -1.91 -6.56
N SER B 216 17.72 -2.14 -6.45
CA SER B 216 18.17 -2.99 -5.33
C SER B 216 18.21 -2.17 -4.05
N ASP B 217 18.44 -0.86 -4.18
CA ASP B 217 18.33 0.00 -3.00
C ASP B 217 16.89 0.01 -2.52
N VAL B 218 15.93 0.03 -3.45
CA VAL B 218 14.53 -0.06 -3.05
C VAL B 218 14.25 -1.36 -2.28
N TRP B 219 14.80 -2.48 -2.76
CA TRP B 219 14.67 -3.74 -2.02
C TRP B 219 15.19 -3.57 -0.60
N SER B 220 16.40 -3.00 -0.48
CA SER B 220 16.96 -2.74 0.84
C SER B 220 16.05 -1.86 1.67
N PHE B 221 15.39 -0.89 1.04
CA PHE B 221 14.53 -0.02 1.83
C PHE B 221 13.35 -0.79 2.39
N GLY B 222 12.89 -1.81 1.67
CA GLY B 222 11.85 -2.67 2.20
C GLY B 222 12.32 -3.35 3.48
N VAL B 223 13.56 -3.81 3.48
CA VAL B 223 14.14 -4.45 4.65
C VAL B 223 14.29 -3.44 5.79
N ILE B 224 14.60 -2.19 5.44
CA ILE B 224 14.67 -1.12 6.43
C ILE B 224 13.32 -0.90 7.12
N LEU B 225 12.25 -0.88 6.33
CA LEU B 225 10.90 -0.76 6.88
C LEU B 225 10.66 -1.86 7.90
N TRP B 226 10.98 -3.10 7.52
CA TRP B 226 10.87 -4.24 8.43
C TRP B 226 11.71 -4.06 9.70
N GLU B 227 12.93 -3.55 9.57
CA GLU B 227 13.76 -3.27 10.74
C GLU B 227 13.08 -2.28 11.68
N ILE B 228 12.56 -1.20 11.12
CA ILE B 228 11.91 -0.15 11.90
C ILE B 228 10.73 -0.73 12.68
N PHE B 229 9.89 -1.46 11.97
CA PHE B 229 8.67 -1.96 12.58
C PHE B 229 8.88 -3.20 13.45
N THR B 230 10.14 -3.66 13.59
CA THR B 230 10.46 -4.73 14.52
C THR B 230 11.45 -4.22 15.57
N TYR B 231 11.57 -2.90 15.67
CA TYR B 231 12.51 -2.27 16.61
C TYR B 231 13.95 -2.77 16.41
N GLY B 232 14.34 -2.90 15.14
CA GLY B 232 15.74 -3.12 14.82
C GLY B 232 16.21 -4.55 14.87
N LYS B 233 15.28 -5.50 14.81
CA LYS B 233 15.63 -6.92 14.77
C LYS B 233 16.40 -7.23 13.48
N GLN B 234 17.31 -8.20 13.53
CA GLN B 234 18.00 -8.60 12.31
C GLN B 234 17.09 -9.45 11.45
N PRO B 235 17.06 -9.13 10.14
CA PRO B 235 16.25 -9.93 9.21
C PRO B 235 16.74 -11.39 9.16
N TRP B 236 15.81 -12.34 9.13
CA TRP B 236 16.14 -13.75 8.99
C TRP B 236 17.06 -14.20 10.09
N PHE B 237 16.82 -13.70 11.30
CA PHE B 237 17.74 -13.94 12.39
C PHE B 237 18.01 -15.43 12.63
N GLN B 238 17.00 -16.26 12.38
CA GLN B 238 17.16 -17.69 12.65
C GLN B 238 17.86 -18.44 11.50
N LEU B 239 18.34 -17.71 10.50
CA LEU B 239 18.96 -18.36 9.33
C LEU B 239 20.46 -18.13 9.20
N SER B 240 21.17 -19.14 8.71
CA SER B 240 22.57 -18.96 8.31
C SER B 240 22.65 -18.09 7.07
N ASN B 241 23.83 -17.57 6.77
CA ASN B 241 24.03 -16.79 5.55
C ASN B 241 23.68 -17.58 4.29
N THR B 242 24.08 -18.85 4.28
CA THR B 242 23.76 -19.77 3.20
C THR B 242 22.28 -19.90 3.02
N GLU B 243 21.55 -20.01 4.13
CA GLU B 243 20.10 -20.14 4.07
C GLU B 243 19.45 -18.83 3.66
N VAL B 244 20.09 -17.72 3.98
CA VAL B 244 19.58 -16.41 3.54
C VAL B 244 19.64 -16.35 2.00
N ILE B 245 20.77 -16.75 1.46
CA ILE B 245 20.98 -16.77 0.01
C ILE B 245 19.91 -17.62 -0.65
N GLU B 246 19.69 -18.81 -0.10
CA GLU B 246 18.69 -19.71 -0.63
C GLU B 246 17.32 -19.06 -0.53
N CYS B 247 17.07 -18.48 0.63
CA CYS B 247 15.78 -17.88 0.95
C CYS B 247 15.41 -16.72 0.00
N ILE B 248 16.35 -15.82 -0.20
CA ILE B 248 16.13 -14.68 -1.09
C ILE B 248 15.94 -15.16 -2.54
N THR B 249 16.85 -16.00 -3.00
CA THR B 249 16.79 -16.56 -4.33
C THR B 249 15.45 -17.22 -4.60
N GLN B 250 14.94 -17.92 -3.59
CA GLN B 250 13.70 -18.67 -3.69
C GLN B 250 12.47 -17.79 -3.79
N GLY B 251 12.66 -16.49 -3.56
CA GLY B 251 11.53 -15.58 -3.58
C GLY B 251 10.81 -15.55 -2.25
N ARG B 252 11.45 -16.09 -1.23
CA ARG B 252 10.86 -16.03 0.10
C ARG B 252 10.97 -14.59 0.62
N VAL B 253 10.01 -14.18 1.45
CA VAL B 253 9.94 -12.78 1.86
C VAL B 253 9.73 -12.69 3.36
N LEU B 254 10.24 -11.63 3.98
CA LEU B 254 10.06 -11.42 5.42
C LEU B 254 8.59 -11.27 5.78
N GLU B 255 8.22 -11.73 6.97
CA GLU B 255 6.82 -11.70 7.38
C GLU B 255 6.47 -10.34 7.99
N ARG B 256 5.18 -10.03 7.97
CA ARG B 256 4.73 -8.74 8.47
C ARG B 256 4.93 -8.65 9.97
N PRO B 257 5.70 -7.64 10.41
CA PRO B 257 5.90 -7.37 11.83
C PRO B 257 4.58 -7.13 12.56
N ARG B 258 4.54 -7.52 13.83
CA ARG B 258 3.37 -7.41 14.69
C ARG B 258 2.68 -6.06 14.59
N VAL B 259 3.44 -4.98 14.75
CA VAL B 259 2.87 -3.65 14.79
C VAL B 259 2.97 -2.90 13.45
N CYS B 260 3.10 -3.64 12.37
CA CYS B 260 3.18 -3.06 11.04
C CYS B 260 1.81 -3.05 10.33
N PRO B 261 1.23 -1.86 10.08
CA PRO B 261 -0.03 -1.83 9.34
C PRO B 261 0.08 -2.49 7.98
N LYS B 262 -1.03 -3.04 7.51
CA LYS B 262 -1.00 -3.82 6.29
C LYS B 262 -0.64 -3.01 5.07
N GLU B 263 -0.96 -1.73 5.07
CA GLU B 263 -0.56 -0.94 3.89
C GLU B 263 0.97 -0.79 3.90
N VAL B 264 1.54 -0.66 5.09
CA VAL B 264 2.98 -0.48 5.20
C VAL B 264 3.66 -1.78 4.74
N TYR B 265 3.08 -2.91 5.11
CA TYR B 265 3.58 -4.19 4.64
C TYR B 265 3.43 -4.30 3.12
N ASP B 266 2.33 -3.81 2.56
CA ASP B 266 2.18 -3.82 1.10
C ASP B 266 3.32 -3.07 0.42
N VAL B 267 3.75 -1.95 1.03
CA VAL B 267 4.89 -1.20 0.53
C VAL B 267 6.14 -2.07 0.57
N MET B 268 6.35 -2.80 1.67
CA MET B 268 7.48 -3.71 1.77
C MET B 268 7.46 -4.73 0.65
N LEU B 269 6.29 -5.33 0.40
CA LEU B 269 6.17 -6.31 -0.68
C LEU B 269 6.43 -5.67 -2.02
N GLY B 270 6.00 -4.41 -2.20
CA GLY B 270 6.29 -3.70 -3.44
C GLY B 270 7.80 -3.51 -3.64
N CYS B 271 8.56 -3.46 -2.55
CA CYS B 271 10.03 -3.36 -2.64
C CYS B 271 10.66 -4.69 -3.01
N TRP B 272 9.96 -5.77 -2.71
CA TRP B 272 10.53 -7.10 -2.81
C TRP B 272 10.01 -7.89 -4.01
N GLN B 273 9.56 -7.19 -5.04
CA GLN B 273 9.21 -7.88 -6.26
C GLN B 273 10.48 -8.51 -6.81
N ARG B 274 10.45 -9.79 -7.18
CA ARG B 274 11.69 -10.40 -7.65
C ARG B 274 12.21 -9.72 -8.90
N GLU B 275 11.30 -9.26 -9.74
CA GLU B 275 11.67 -8.56 -10.95
C GLU B 275 11.93 -7.09 -10.61
N PRO B 276 13.18 -6.62 -10.81
CA PRO B 276 13.54 -5.26 -10.37
C PRO B 276 12.59 -4.21 -10.94
N GLN B 277 12.20 -4.37 -12.21
CA GLN B 277 11.35 -3.38 -12.87
C GLN B 277 9.92 -3.42 -12.36
N GLN B 278 9.59 -4.44 -11.57
CA GLN B 278 8.26 -4.53 -10.99
C GLN B 278 8.18 -3.90 -9.60
N ARG B 279 9.33 -3.58 -9.02
CA ARG B 279 9.35 -2.99 -7.68
C ARG B 279 8.81 -1.57 -7.73
N LEU B 280 8.19 -1.13 -6.64
CA LEU B 280 7.86 0.29 -6.50
C LEU B 280 9.10 1.17 -6.72
N ASN B 281 8.88 2.37 -7.26
CA ASN B 281 9.90 3.41 -7.36
C ASN B 281 9.97 4.12 -6.02
N ILE B 282 11.13 4.65 -5.66
CA ILE B 282 11.29 5.22 -4.33
C ILE B 282 10.42 6.47 -4.20
N LYS B 283 10.14 7.12 -5.32
CA LYS B 283 9.25 8.29 -5.31
C LYS B 283 7.82 7.90 -4.90
N GLU B 284 7.35 6.76 -5.38
CA GLU B 284 6.05 6.22 -4.94
C GLU B 284 6.04 5.80 -3.49
N ILE B 285 7.12 5.15 -3.06
CA ILE B 285 7.25 4.71 -1.68
C ILE B 285 7.18 5.94 -0.78
N TYR B 286 7.94 6.95 -1.15
CA TYR B 286 7.98 8.16 -0.33
C TYR B 286 6.60 8.83 -0.28
N LYS B 287 5.97 8.95 -1.44
CA LYS B 287 4.63 9.52 -1.53
C LYS B 287 3.68 8.83 -0.57
N ILE B 288 3.67 7.51 -0.58
CA ILE B 288 2.77 6.78 0.30
C ILE B 288 3.09 6.97 1.77
N LEU B 289 4.34 6.71 2.15
CA LEU B 289 4.73 6.75 3.54
C LEU B 289 4.55 8.14 4.13
N HIS B 290 4.85 9.15 3.33
CA HIS B 290 4.72 10.52 3.80
C HIS B 290 3.24 10.86 4.06
N ALA B 291 2.37 10.47 3.14
CA ALA B 291 0.94 10.68 3.32
C ALA B 291 0.46 9.98 4.57
N LEU B 292 0.85 8.72 4.73
CA LEU B 292 0.47 7.94 5.90
C LEU B 292 0.93 8.60 7.19
N GLY B 293 2.14 9.17 7.14
CA GLY B 293 2.74 9.76 8.33
C GLY B 293 2.06 11.06 8.71
N LYS B 294 1.69 11.85 7.71
CA LYS B 294 0.97 13.09 7.95
C LYS B 294 -0.41 12.78 8.51
N ALA B 295 -1.00 11.70 8.03
CA ALA B 295 -2.35 11.29 8.42
C ALA B 295 -2.44 10.72 9.84
N THR B 296 -1.40 10.03 10.29
CA THR B 296 -1.39 9.54 11.67
C THR B 296 -0.81 10.61 12.59
N PRO B 297 -1.26 10.65 13.86
CA PRO B 297 -2.35 9.81 14.37
C PRO B 297 -3.72 10.47 14.20
N ILE B 298 -3.78 11.54 13.39
CA ILE B 298 -5.06 12.17 13.04
C ILE B 298 -5.96 11.19 12.30
N TYR B 299 -5.43 10.01 11.99
CA TYR B 299 -6.16 8.95 11.32
C TYR B 299 -7.52 8.68 11.95
C1 4EJ C . -23.17 -13.96 -10.38
C2 4EJ C . -24.51 -13.80 -10.06
C3 4EJ C . -25.38 -13.19 -10.95
C11 4EJ C . -25.32 -9.85 -16.47
C12 4EJ C . -24.20 -10.15 -15.65
C13 4EJ C . -21.97 -9.40 -14.90
C14 4EJ C . -20.97 -10.52 -14.91
C15 4EJ C . -20.20 -10.81 -13.80
C16 4EJ C . -19.29 -11.85 -13.82
C17 4EJ C . -19.12 -12.61 -14.96
C18 4EJ C . -19.88 -12.33 -16.07
C19 4EJ C . -20.80 -11.30 -16.06
N 4EJ C . -21.57 -15.19 -8.77
C 4EJ C . -22.28 -14.63 -9.48
C6 4EJ C . -22.71 -13.49 -11.60
C5 4EJ C . -23.57 -12.88 -12.49
C4 4EJ C . -24.92 -12.73 -12.18
C7 4EJ C . -25.86 -12.12 -13.14
N4 4EJ C . -25.50 -11.34 -14.23
C9 4EJ C . -26.67 -11.05 -14.92
N1 4EJ C . -27.72 -11.58 -14.32
C8 4EJ C . -27.22 -12.24 -13.22
N3 4EJ C . -24.22 -10.93 -14.54
C10 4EJ C . -26.54 -10.28 -16.09
N2 4EJ C . -22.99 -9.54 -15.92
H 4EJ C . -24.90 -14.16 -9.10
H1 4EJ C . -26.43 -13.07 -10.69
H6 4EJ C . -25.19 -9.27 -17.37
H9 4EJ C . -21.46 -8.45 -15.06
H8 4EJ C . -22.45 -9.31 -13.92
H10 4EJ C . -20.31 -10.22 -12.89
H11 4EJ C . -18.70 -12.06 -12.93
H12 4EJ C . -18.40 -13.42 -14.98
H13 4EJ C . -19.76 -12.93 -16.98
H14 4EJ C . -21.39 -11.11 -16.95
H3 4EJ C . -21.65 -13.59 -11.85
H2 4EJ C . -23.20 -12.52 -13.44
H4 4EJ C . -27.87 -12.78 -12.54
H5 4EJ C . -27.44 -10.06 -16.67
H7 4EJ C . -22.96 -8.91 -16.72
C1 GOL D . -22.00 -14.74 -5.19
O1 GOL D . -20.87 -15.58 -5.37
C2 GOL D . -21.70 -13.37 -5.78
O2 GOL D . -21.52 -12.45 -4.73
C3 GOL D . -22.84 -12.94 -6.70
O3 GOL D . -23.48 -11.79 -6.20
C1 GOL E . -23.73 -9.52 -1.33
O1 GOL E . -24.49 -8.72 -2.21
C2 GOL E . -23.66 -10.92 -1.92
O2 GOL E . -22.35 -11.45 -1.76
C3 GOL E . -24.01 -10.82 -3.39
O3 GOL E . -25.16 -11.57 -3.69
C1 GOL F . -13.57 10.17 -1.68
O1 GOL F . -14.27 11.25 -2.27
C2 GOL F . -12.23 9.94 -2.39
O2 GOL F . -12.22 8.69 -3.02
C3 GOL F . -11.11 9.98 -1.35
O3 GOL F . -9.93 10.47 -1.95
CL CL G . -26.88 -27.95 -20.32
C1 4EJ H . 30.93 9.16 9.54
C2 4EJ H . 30.20 10.35 9.48
C3 4EJ H . 29.40 10.72 10.54
C11 4EJ H . 27.06 8.61 16.20
C12 4EJ H . 27.73 7.81 15.26
C13 4EJ H . 27.81 5.55 14.32
C14 4EJ H . 29.27 5.30 14.06
C15 4EJ H . 29.71 4.81 12.85
C16 4EJ H . 31.06 4.62 12.61
C17 4EJ H . 31.99 4.92 13.59
C18 4EJ H . 31.57 5.41 14.80
C19 4EJ H . 30.21 5.60 15.04
N 4EJ H . 32.53 8.56 7.59
C 4EJ H . 31.82 8.81 8.45
C6 4EJ H . 30.83 8.35 10.66
C5 4EJ H . 30.02 8.72 11.71
C4 4EJ H . 29.31 9.91 11.67
C7 4EJ H . 28.46 10.35 12.80
N4 4EJ H . 28.07 9.60 13.89
C9 4EJ H . 27.35 10.44 14.72
N1 4EJ H . 27.24 11.65 14.20
C8 4EJ H . 27.92 11.59 13.02
N3 4EJ H . 28.31 8.24 14.10
C10 4EJ H . 26.87 9.90 15.94
N2 4EJ H . 27.62 6.45 15.44
H 4EJ H . 30.27 10.99 8.60
H1 4EJ H . 28.83 11.64 10.48
H6 4EJ H . 26.71 8.18 17.14
H9 4EJ H . 27.32 4.60 14.55
H8 4EJ H . 27.31 5.94 13.43
H10 4EJ H . 28.99 4.56 12.06
H11 4EJ H . 31.38 4.23 11.65
H12 4EJ H . 33.05 4.77 13.40
H13 4EJ H . 32.29 5.65 15.57
H14 4EJ H . 29.91 6.00 16.01
H3 4EJ H . 31.38 7.41 10.69
H2 4EJ H . 29.95 8.08 12.60
H4 4EJ H . 27.99 12.46 12.37
H5 4EJ H . 26.35 10.58 16.62
H7 4EJ H . 27.05 6.14 16.22
C1 GOL I . 29.68 8.71 5.79
O1 GOL I . 28.29 8.89 5.55
C2 GOL I . 30.42 8.52 4.47
O2 GOL I . 29.77 7.50 3.74
C3 GOL I . 31.85 8.10 4.77
O3 GOL I . 32.65 8.28 3.62
C1 GOL J . 12.96 16.57 9.92
O1 GOL J . 12.45 16.08 8.69
C2 GOL J . 11.90 16.40 11.00
O2 GOL J . 11.04 17.52 11.02
C3 GOL J . 12.57 16.24 12.36
O3 GOL J . 12.23 14.98 12.89
C1 GOL K . 25.44 9.43 1.76
O1 GOL K . 24.31 8.59 1.83
C2 GOL K . 26.46 8.95 2.78
O2 GOL K . 27.20 10.04 3.28
C3 GOL K . 27.37 7.96 2.08
O3 GOL K . 27.45 8.30 0.73
#